data_1JQL
#
_entry.id   1JQL
#
_cell.length_a   110.1
_cell.length_b   110.1
_cell.length_c   134.9
_cell.angle_alpha   90
_cell.angle_beta   90
_cell.angle_gamma   120
#
_symmetry.space_group_name_H-M   'P 3 2 1'
#
loop_
_entity.id
_entity.type
_entity.pdbx_description
1 polymer 'DNA Polymerase III, BETA CHAIN'
2 polymer 'DNA Polymerase III, DELTA SUBUNIT'
#
loop_
_entity_poly.entity_id
_entity_poly.type
_entity_poly.pdbx_seq_one_letter_code
_entity_poly.pdbx_strand_id
1 'polypeptide(L)'
;MKFTVEREHLLKPLQQVSGPLGGRPTLPILGNLLLQVADGTLSLTGTDLEMEMVARVALVQPHEPGATTVPARKFFDICR
GLPEGAEIAVQLEGERMLVRSGRSRFSLSTLPAADFPNLDDWQSEVEFTLPQATMKRLIEATQFSMAHQDVRYYLNGMLF
ETEGEELRTVATDGHRLAVCSMPIGQSLPSHSVIVPRKGVIELMRMLDGGDNPLRVQIGSNNIRAHVGDFIFTSKLVDGR
FPDYRRVLPKNPDKHLEAGCDLLKQAFARAAAASNEKFRGVRLYVSENQLKITANNPEQEEAEEILDVTYSGAEMEIGFN
VSYVLDVLNALKCENVRMMLTDSVSSVQIEDAASQSAAYVVMPMRL
;
A
2 'polypeptide(L)'
;MIRLYPEQLRAQLNEGLRAAYLLLGNDPLLLQESQDAVRQVAAAQGFEEHHTFSIDPNTDWNAIFSLCQAMSLFASRQTL
LLLLPENGPNAAINEQLLTLTGLLHDDLLLIVRGNKLSKAQENAAWFTALANRSVQVTCQ
;
B
#
# COMPACT_ATOMS: atom_id res chain seq x y z
N MET A 1 41.04 -1.84 10.19
CA MET A 1 40.34 -3.12 9.88
C MET A 1 40.83 -3.78 8.61
N LYS A 2 40.67 -5.09 8.54
CA LYS A 2 41.13 -5.86 7.41
C LYS A 2 40.46 -7.21 7.41
N PHE A 3 40.12 -7.71 6.22
CA PHE A 3 39.48 -9.00 6.08
C PHE A 3 39.71 -9.54 4.66
N THR A 4 39.54 -10.84 4.47
CA THR A 4 39.72 -11.46 3.15
C THR A 4 38.53 -12.39 3.01
N VAL A 5 37.76 -12.23 1.94
CA VAL A 5 36.56 -13.06 1.75
C VAL A 5 36.32 -13.60 0.34
N GLU A 6 36.02 -14.89 0.22
CA GLU A 6 35.72 -15.46 -1.09
C GLU A 6 34.63 -14.53 -1.66
N ARG A 7 34.80 -14.09 -2.91
CA ARG A 7 33.85 -13.18 -3.55
C ARG A 7 32.41 -13.64 -3.42
N GLU A 8 32.22 -14.95 -3.36
CA GLU A 8 30.89 -15.52 -3.30
C GLU A 8 30.15 -15.32 -1.99
N HIS A 9 30.90 -15.22 -0.91
CA HIS A 9 30.28 -15.01 0.38
C HIS A 9 29.85 -13.56 0.57
N LEU A 10 30.62 -12.63 0.00
CA LEU A 10 30.35 -11.21 0.14
C LEU A 10 29.34 -10.64 -0.84
N LEU A 11 29.03 -11.38 -1.88
CA LEU A 11 28.10 -10.86 -2.87
C LEU A 11 26.65 -10.76 -2.40
N LYS A 12 26.12 -11.89 -1.94
CA LYS A 12 24.72 -11.94 -1.48
C LYS A 12 24.44 -10.79 -0.50
N PRO A 13 25.21 -10.68 0.60
CA PRO A 13 25.06 -9.64 1.62
C PRO A 13 25.20 -8.22 1.10
N LEU A 14 26.28 -8.00 0.35
CA LEU A 14 26.54 -6.68 -0.19
C LEU A 14 25.28 -6.22 -0.92
N GLN A 15 24.67 -7.15 -1.64
CA GLN A 15 23.46 -6.86 -2.39
C GLN A 15 22.23 -6.70 -1.51
N GLN A 16 22.27 -7.25 -0.31
CA GLN A 16 21.13 -7.17 0.59
C GLN A 16 21.05 -5.87 1.40
N VAL A 17 22.18 -5.44 1.96
CA VAL A 17 22.22 -4.22 2.77
C VAL A 17 22.04 -2.94 1.95
N SER A 18 22.72 -2.88 0.81
CA SER A 18 22.58 -1.73 -0.09
C SER A 18 21.55 -2.26 -1.07
N GLY A 19 20.35 -2.50 -0.56
CA GLY A 19 19.29 -3.06 -1.37
C GLY A 19 18.28 -2.14 -2.01
N PRO A 20 17.06 -2.08 -1.45
CA PRO A 20 16.01 -1.22 -2.01
C PRO A 20 16.27 0.29 -1.97
N LEU A 21 17.46 0.70 -1.56
CA LEU A 21 17.74 2.13 -1.57
C LEU A 21 18.29 2.42 -2.96
N GLY A 22 18.75 3.64 -3.17
CA GLY A 22 19.30 3.97 -4.48
C GLY A 22 18.48 4.99 -5.25
N GLY A 23 17.69 5.78 -4.52
CA GLY A 23 16.88 6.82 -5.13
C GLY A 23 17.83 7.97 -5.43
N ARG A 24 18.30 8.62 -4.36
CA ARG A 24 19.25 9.72 -4.44
C ARG A 24 19.76 9.92 -3.04
N PRO A 25 21.08 10.05 -2.87
CA PRO A 25 21.52 10.26 -1.49
C PRO A 25 20.88 11.54 -0.95
N THR A 26 19.98 11.40 0.01
CA THR A 26 19.35 12.58 0.59
C THR A 26 20.51 13.21 1.37
N LEU A 27 21.39 12.33 1.81
CA LEU A 27 22.58 12.70 2.55
C LEU A 27 23.72 11.83 2.04
N PRO A 28 24.93 12.38 1.98
CA PRO A 28 26.13 11.68 1.52
C PRO A 28 26.33 10.35 2.21
N ILE A 29 26.46 10.43 3.52
CA ILE A 29 26.67 9.26 4.35
C ILE A 29 25.65 8.16 4.06
N LEU A 30 24.42 8.56 3.71
CA LEU A 30 23.36 7.60 3.41
C LEU A 30 23.59 6.72 2.20
N GLY A 31 24.55 7.08 1.36
CA GLY A 31 24.84 6.26 0.19
C GLY A 31 25.96 5.29 0.51
N ASN A 32 26.33 5.26 1.79
CA ASN A 32 27.41 4.41 2.24
C ASN A 32 26.97 3.26 3.13
N LEU A 33 27.78 2.20 3.10
CA LEU A 33 27.61 1.01 3.92
C LEU A 33 28.62 1.08 5.05
N LEU A 34 28.21 0.66 6.24
CA LEU A 34 29.09 0.65 7.39
C LEU A 34 29.65 -0.76 7.43
N LEU A 35 30.97 -0.86 7.50
CA LEU A 35 31.65 -2.15 7.57
C LEU A 35 32.31 -2.19 8.94
N GLN A 36 32.00 -3.24 9.70
CA GLN A 36 32.56 -3.41 11.02
C GLN A 36 33.12 -4.81 11.16
N VAL A 37 34.37 -4.91 11.61
CA VAL A 37 35.02 -6.21 11.82
C VAL A 37 35.42 -6.26 13.28
N ALA A 38 35.02 -7.34 13.90
CA ALA A 38 35.24 -7.53 15.29
C ALA A 38 34.82 -8.94 15.57
N ASP A 39 35.67 -9.70 16.24
CA ASP A 39 35.33 -11.03 16.64
C ASP A 39 34.83 -11.99 15.56
N GLY A 40 35.75 -12.56 14.79
CA GLY A 40 35.42 -13.45 13.71
C GLY A 40 34.36 -13.04 12.66
N THR A 41 33.54 -12.03 12.92
CA THR A 41 32.55 -11.67 11.90
C THR A 41 32.66 -10.27 11.31
N LEU A 42 32.15 -10.13 10.07
CA LEU A 42 32.13 -8.87 9.36
C LEU A 42 30.66 -8.45 9.30
N SER A 43 30.36 -7.26 9.77
CA SER A 43 28.97 -6.77 9.74
C SER A 43 28.82 -5.58 8.77
N LEU A 44 27.90 -5.73 7.82
CA LEU A 44 27.64 -4.70 6.83
C LEU A 44 26.30 -4.09 7.15
N THR A 45 26.21 -2.77 7.13
CA THR A 45 24.95 -2.11 7.43
C THR A 45 24.56 -0.98 6.44
N GLY A 46 23.28 -0.98 6.06
CA GLY A 46 22.77 0.03 5.15
C GLY A 46 21.56 0.68 5.81
N THR A 47 21.28 1.94 5.49
CA THR A 47 20.14 2.61 6.11
C THR A 47 19.59 3.74 5.24
N ASP A 48 18.31 4.05 5.46
CA ASP A 48 17.64 5.12 4.76
C ASP A 48 16.92 5.93 5.83
N LEU A 49 17.13 5.55 7.09
CA LEU A 49 16.54 6.24 8.24
C LEU A 49 15.12 5.81 8.57
N GLU A 50 14.56 4.91 7.76
CA GLU A 50 13.21 4.40 7.97
C GLU A 50 13.36 2.96 8.42
N MET A 51 14.35 2.28 7.84
CA MET A 51 14.63 0.88 8.13
C MET A 51 16.08 0.53 7.81
N GLU A 52 16.72 -0.34 8.60
CA GLU A 52 18.08 -0.70 8.30
C GLU A 52 18.31 -2.18 8.20
N MET A 53 19.25 -2.56 7.35
CA MET A 53 19.58 -3.96 7.15
C MET A 53 21.02 -4.21 7.53
N VAL A 54 21.22 -5.30 8.26
CA VAL A 54 22.55 -5.69 8.69
C VAL A 54 22.79 -7.13 8.24
N ALA A 55 24.00 -7.40 7.78
CA ALA A 55 24.35 -8.73 7.33
C ALA A 55 25.62 -9.12 8.07
N ARG A 56 25.61 -10.32 8.66
CA ARG A 56 26.77 -10.83 9.39
C ARG A 56 27.50 -11.80 8.47
N VAL A 57 28.82 -11.74 8.47
CA VAL A 57 29.61 -12.66 7.65
C VAL A 57 30.77 -13.20 8.50
N ALA A 58 30.84 -14.51 8.59
CA ALA A 58 31.87 -15.17 9.36
C ALA A 58 33.22 -14.98 8.67
N LEU A 59 34.19 -14.49 9.42
CA LEU A 59 35.53 -14.28 8.89
C LEU A 59 36.37 -15.49 9.28
N VAL A 60 36.56 -16.39 8.32
CA VAL A 60 37.34 -17.61 8.52
C VAL A 60 38.85 -17.38 8.38
N GLN A 61 39.27 -16.72 7.29
CA GLN A 61 40.71 -16.44 7.11
C GLN A 61 41.13 -15.36 8.10
N PRO A 62 42.45 -15.15 8.28
CA PRO A 62 42.89 -14.13 9.24
C PRO A 62 42.22 -12.78 8.97
N HIS A 63 41.90 -12.05 10.04
CA HIS A 63 41.24 -10.76 9.90
C HIS A 63 41.69 -9.80 10.99
N GLU A 64 41.28 -8.54 10.88
CA GLU A 64 41.69 -7.52 11.83
C GLU A 64 40.56 -6.52 12.11
N PRO A 65 40.20 -6.34 13.39
CA PRO A 65 39.15 -5.42 13.83
C PRO A 65 39.23 -4.00 13.32
N GLY A 66 38.08 -3.34 13.26
CA GLY A 66 38.00 -1.96 12.80
C GLY A 66 36.65 -1.63 12.22
N ALA A 67 36.48 -0.40 11.76
CA ALA A 67 35.20 0.00 11.22
C ALA A 67 35.30 1.22 10.34
N THR A 68 34.52 1.23 9.27
CA THR A 68 34.51 2.36 8.36
C THR A 68 33.21 2.41 7.54
N THR A 69 33.18 3.33 6.58
CA THR A 69 32.02 3.58 5.71
C THR A 69 32.45 3.74 4.26
N VAL A 70 31.79 3.05 3.33
CA VAL A 70 32.17 3.17 1.94
C VAL A 70 30.98 3.17 0.99
N PRO A 71 31.08 3.91 -0.12
CA PRO A 71 30.00 3.98 -1.11
C PRO A 71 29.49 2.57 -1.38
N ALA A 72 28.23 2.32 -1.03
CA ALA A 72 27.66 1.00 -1.22
C ALA A 72 27.67 0.47 -2.65
N ARG A 73 27.19 1.29 -3.60
CA ARG A 73 27.12 0.89 -5.02
C ARG A 73 28.46 0.58 -5.62
N LYS A 74 29.37 1.53 -5.52
CA LYS A 74 30.71 1.35 -6.06
C LYS A 74 31.34 0.08 -5.50
N PHE A 75 31.37 -0.05 -4.18
CA PHE A 75 31.96 -1.22 -3.57
C PHE A 75 31.33 -2.50 -4.08
N PHE A 76 30.01 -2.49 -4.25
CA PHE A 76 29.30 -3.66 -4.73
C PHE A 76 29.70 -4.03 -6.16
N ASP A 77 29.71 -3.03 -7.03
CA ASP A 77 30.10 -3.27 -8.42
C ASP A 77 31.50 -3.85 -8.43
N ILE A 78 32.42 -3.18 -7.75
CA ILE A 78 33.78 -3.66 -7.70
C ILE A 78 33.77 -5.16 -7.45
N CYS A 79 33.10 -5.58 -6.39
CA CYS A 79 33.05 -7.00 -6.08
C CYS A 79 32.41 -7.80 -7.19
N ARG A 80 31.23 -7.36 -7.61
CA ARG A 80 30.48 -8.03 -8.67
C ARG A 80 31.28 -8.12 -9.98
N GLY A 81 32.22 -7.19 -10.17
CA GLY A 81 33.03 -7.16 -11.37
C GLY A 81 34.20 -8.12 -11.40
N LEU A 82 34.55 -8.69 -10.26
CA LEU A 82 35.65 -9.63 -10.23
C LEU A 82 35.15 -10.96 -10.77
N PRO A 83 36.06 -11.87 -11.12
CA PRO A 83 35.67 -13.19 -11.64
C PRO A 83 35.22 -14.06 -10.45
N GLU A 84 34.26 -14.95 -10.64
CA GLU A 84 33.80 -15.78 -9.53
C GLU A 84 34.84 -16.72 -8.94
N GLY A 85 34.75 -16.93 -7.63
CA GLY A 85 35.69 -17.79 -6.92
C GLY A 85 36.89 -17.03 -6.41
N ALA A 86 37.02 -15.78 -6.87
CA ALA A 86 38.11 -14.90 -6.49
C ALA A 86 37.98 -14.44 -5.04
N GLU A 87 39.08 -14.49 -4.31
CA GLU A 87 39.08 -14.05 -2.91
C GLU A 87 39.24 -12.53 -2.96
N ILE A 88 38.61 -11.84 -2.01
CA ILE A 88 38.66 -10.38 -1.94
C ILE A 88 39.21 -9.85 -0.64
N ALA A 89 40.48 -9.46 -0.65
CA ALA A 89 41.10 -8.90 0.53
C ALA A 89 40.81 -7.40 0.55
N VAL A 90 40.15 -6.96 1.61
CA VAL A 90 39.80 -5.55 1.79
C VAL A 90 40.64 -5.05 2.96
N GLN A 91 41.13 -3.82 2.86
CA GLN A 91 41.94 -3.28 3.93
C GLN A 91 41.84 -1.77 4.02
N LEU A 92 41.62 -1.27 5.23
CA LEU A 92 41.52 0.15 5.44
C LEU A 92 42.93 0.71 5.42
N GLU A 93 43.10 1.91 4.88
CA GLU A 93 44.42 2.52 4.81
C GLU A 93 44.25 4.03 4.60
N GLY A 94 44.41 4.78 5.69
CA GLY A 94 44.23 6.22 5.60
C GLY A 94 42.73 6.50 5.67
N GLU A 95 42.22 7.27 4.74
CA GLU A 95 40.80 7.57 4.72
C GLU A 95 40.25 6.95 3.43
N ARG A 96 40.96 5.91 3.01
CA ARG A 96 40.65 5.17 1.80
C ARG A 96 40.52 3.72 2.18
N MET A 97 39.80 2.96 1.38
CA MET A 97 39.67 1.55 1.65
C MET A 97 40.15 0.78 0.46
N LEU A 98 41.07 -0.16 0.69
CA LEU A 98 41.63 -0.96 -0.36
C LEU A 98 40.92 -2.29 -0.58
N VAL A 99 40.58 -2.56 -1.83
CA VAL A 99 39.94 -3.79 -2.23
C VAL A 99 40.94 -4.40 -3.22
N ARG A 100 41.49 -5.56 -2.89
CA ARG A 100 42.52 -6.21 -3.69
C ARG A 100 42.09 -7.64 -4.04
N SER A 101 42.28 -8.05 -5.28
CA SER A 101 41.91 -9.42 -5.68
C SER A 101 42.69 -9.90 -6.92
N GLY A 102 43.71 -10.72 -6.67
CA GLY A 102 44.53 -11.19 -7.77
C GLY A 102 45.45 -10.03 -8.00
N ARG A 103 45.26 -9.33 -9.12
CA ARG A 103 46.08 -8.16 -9.37
C ARG A 103 45.24 -6.90 -9.56
N SER A 104 43.92 -7.06 -9.49
CA SER A 104 43.01 -5.93 -9.61
C SER A 104 43.05 -5.30 -8.24
N ARG A 105 43.27 -4.00 -8.17
CA ARG A 105 43.26 -3.37 -6.86
C ARG A 105 42.70 -1.97 -6.95
N PHE A 106 41.68 -1.70 -6.12
CA PHE A 106 41.02 -0.40 -6.09
C PHE A 106 41.09 0.17 -4.70
N SER A 107 40.59 1.39 -4.56
CA SER A 107 40.59 2.05 -3.27
C SER A 107 39.45 3.05 -3.27
N LEU A 108 38.55 2.91 -2.31
CA LEU A 108 37.41 3.81 -2.24
C LEU A 108 37.55 4.81 -1.12
N SER A 109 36.82 5.90 -1.27
CA SER A 109 36.82 6.96 -0.29
C SER A 109 35.96 6.45 0.87
N THR A 110 36.07 7.12 2.02
CA THR A 110 35.28 6.74 3.15
C THR A 110 34.75 7.96 3.90
N LEU A 111 34.02 7.68 4.96
CA LEU A 111 33.41 8.67 5.84
C LEU A 111 33.43 7.97 7.20
N PRO A 112 33.78 8.66 8.29
CA PRO A 112 33.83 8.05 9.62
C PRO A 112 32.58 7.26 10.08
N ALA A 113 32.83 6.05 10.60
CA ALA A 113 31.78 5.16 11.09
C ALA A 113 30.97 5.83 12.16
N ALA A 114 31.63 6.70 12.90
CA ALA A 114 30.98 7.43 13.97
C ALA A 114 29.79 8.26 13.49
N ASP A 115 29.89 8.77 12.25
CA ASP A 115 28.86 9.59 11.63
C ASP A 115 27.72 8.80 11.01
N PHE A 116 27.86 7.49 10.90
CA PHE A 116 26.81 6.68 10.32
C PHE A 116 25.62 6.70 11.25
N PRO A 117 24.44 7.10 10.72
CA PRO A 117 23.17 7.21 11.43
C PRO A 117 22.68 5.81 11.71
N ASN A 118 23.51 5.12 12.45
CA ASN A 118 23.28 3.76 12.88
C ASN A 118 22.29 3.93 14.03
N LEU A 119 21.40 2.97 14.21
CA LEU A 119 20.46 3.09 15.32
C LEU A 119 21.10 2.63 16.62
N ASP A 120 21.07 3.49 17.64
CA ASP A 120 21.62 3.14 18.96
C ASP A 120 20.57 2.16 19.52
N ASP A 121 21.00 0.99 19.99
CA ASP A 121 20.10 -0.05 20.52
C ASP A 121 18.87 0.44 21.30
N TRP A 122 17.80 -0.35 21.25
CA TRP A 122 16.55 -0.03 21.93
C TRP A 122 16.14 -1.28 22.71
N GLN A 123 15.04 -1.18 23.45
CA GLN A 123 14.56 -2.33 24.20
C GLN A 123 13.21 -2.90 23.77
N SER A 124 13.23 -4.18 23.42
CA SER A 124 12.05 -4.91 22.98
C SER A 124 11.05 -5.09 24.12
N GLU A 125 9.78 -4.80 23.81
CA GLU A 125 8.70 -4.95 24.78
C GLU A 125 8.17 -6.37 24.70
N VAL A 126 8.38 -6.98 23.55
CA VAL A 126 7.95 -8.35 23.32
C VAL A 126 8.80 -8.94 22.20
N GLU A 127 8.94 -10.25 22.19
CA GLU A 127 9.72 -10.95 21.17
C GLU A 127 9.37 -12.44 21.14
N PHE A 128 9.54 -13.08 19.99
CA PHE A 128 9.21 -14.49 19.85
C PHE A 128 9.83 -15.12 18.62
N THR A 129 9.54 -16.40 18.43
CA THR A 129 10.08 -17.15 17.31
C THR A 129 9.01 -17.93 16.58
N LEU A 130 9.04 -17.87 15.26
CA LEU A 130 8.10 -18.59 14.43
C LEU A 130 8.83 -19.01 13.18
N PRO A 131 8.33 -20.05 12.50
CA PRO A 131 9.02 -20.46 11.27
C PRO A 131 8.96 -19.34 10.25
N GLN A 132 9.90 -19.32 9.33
CA GLN A 132 9.90 -18.30 8.31
C GLN A 132 8.63 -18.43 7.49
N ALA A 133 8.23 -19.67 7.26
CA ALA A 133 7.05 -19.98 6.46
C ALA A 133 5.76 -19.47 7.11
N THR A 134 5.75 -19.35 8.43
CA THR A 134 4.58 -18.83 9.11
C THR A 134 4.50 -17.33 8.83
N MET A 135 5.62 -16.62 8.96
CA MET A 135 5.64 -15.17 8.68
C MET A 135 5.30 -14.91 7.23
N LYS A 136 5.82 -15.75 6.36
CA LYS A 136 5.58 -15.60 4.94
C LYS A 136 4.08 -15.69 4.70
N ARG A 137 3.46 -16.77 5.18
CA ARG A 137 2.03 -16.95 5.00
C ARG A 137 1.19 -15.76 5.54
N LEU A 138 1.55 -15.24 6.71
CA LEU A 138 0.83 -14.11 7.31
C LEU A 138 0.90 -12.85 6.45
N ILE A 139 2.08 -12.56 5.91
CA ILE A 139 2.25 -11.37 5.10
C ILE A 139 1.67 -11.58 3.73
N GLU A 140 1.89 -12.74 3.13
CA GLU A 140 1.33 -12.99 1.81
C GLU A 140 -0.18 -12.97 1.82
N ALA A 141 -0.78 -13.57 2.84
CA ALA A 141 -2.23 -13.66 2.97
C ALA A 141 -2.98 -12.34 3.13
N THR A 142 -2.25 -11.26 3.44
CA THR A 142 -2.90 -9.98 3.68
C THR A 142 -2.25 -8.73 3.12
N GLN A 143 -1.01 -8.82 2.63
CA GLN A 143 -0.34 -7.60 2.16
C GLN A 143 -0.93 -6.89 0.96
N PHE A 144 -1.65 -7.60 0.12
CA PHE A 144 -2.24 -6.98 -1.06
C PHE A 144 -3.34 -5.99 -0.72
N SER A 145 -3.76 -5.99 0.55
CA SER A 145 -4.81 -5.09 1.02
C SER A 145 -4.32 -3.80 1.71
N MET A 146 -3.01 -3.60 1.78
CA MET A 146 -2.47 -2.40 2.39
C MET A 146 -2.80 -1.20 1.54
N ALA A 147 -2.84 -0.03 2.16
CA ALA A 147 -3.11 1.18 1.43
C ALA A 147 -1.80 1.57 0.75
N HIS A 148 -1.87 2.46 -0.22
CA HIS A 148 -0.67 2.92 -0.90
C HIS A 148 -0.78 4.44 -1.00
N GLN A 149 0.09 5.14 -0.28
CA GLN A 149 0.09 6.61 -0.29
C GLN A 149 -1.26 7.23 0.06
N ASP A 150 -2.05 6.53 0.87
CA ASP A 150 -3.34 7.05 1.29
C ASP A 150 -3.04 8.18 2.27
N VAL A 151 -3.95 9.15 2.37
CA VAL A 151 -3.75 10.28 3.26
C VAL A 151 -3.85 9.86 4.72
N ARG A 152 -4.45 8.70 4.97
CA ARG A 152 -4.57 8.16 6.33
C ARG A 152 -3.39 7.22 6.48
N TYR A 153 -2.21 7.83 6.59
CA TYR A 153 -0.94 7.11 6.70
C TYR A 153 -0.94 5.82 7.54
N TYR A 154 -1.76 5.74 8.59
CA TYR A 154 -1.78 4.52 9.38
C TYR A 154 -2.36 3.34 8.61
N LEU A 155 -2.72 3.58 7.35
CA LEU A 155 -3.26 2.54 6.47
C LEU A 155 -2.22 2.05 5.45
N ASN A 156 -1.18 2.85 5.25
CA ASN A 156 -0.10 2.52 4.33
C ASN A 156 0.89 1.61 5.01
N GLY A 157 0.38 0.56 5.62
CA GLY A 157 1.22 -0.40 6.31
C GLY A 157 0.39 -1.59 6.74
N MET A 158 1.03 -2.51 7.44
CA MET A 158 0.38 -3.71 7.91
C MET A 158 0.39 -3.74 9.43
N LEU A 159 -0.73 -4.15 10.02
CA LEU A 159 -0.83 -4.23 11.46
C LEU A 159 -0.35 -5.57 11.94
N PHE A 160 0.38 -5.57 13.04
CA PHE A 160 0.86 -6.82 13.62
C PHE A 160 0.34 -6.87 15.05
N GLU A 161 -0.35 -7.92 15.41
CA GLU A 161 -0.79 -8.00 16.78
C GLU A 161 -0.77 -9.40 17.30
N THR A 162 -0.60 -9.50 18.61
CA THR A 162 -0.52 -10.75 19.32
C THR A 162 -1.59 -10.87 20.39
N GLU A 163 -1.88 -12.11 20.74
CA GLU A 163 -2.82 -12.44 21.80
C GLU A 163 -2.74 -13.95 21.90
N GLY A 164 -2.66 -14.44 23.13
CA GLY A 164 -2.55 -15.87 23.33
C GLY A 164 -1.27 -16.34 22.67
N GLU A 165 -1.30 -17.51 22.02
CA GLU A 165 -0.13 -18.05 21.33
C GLU A 165 -0.27 -17.74 19.85
N GLU A 166 -0.95 -16.64 19.55
CA GLU A 166 -1.22 -16.30 18.17
C GLU A 166 -0.71 -14.97 17.66
N LEU A 167 -0.25 -14.98 16.41
CA LEU A 167 0.24 -13.79 15.75
C LEU A 167 -0.65 -13.54 14.54
N ARG A 168 -1.15 -12.33 14.41
CA ARG A 168 -2.00 -12.00 13.29
C ARG A 168 -1.56 -10.72 12.62
N THR A 169 -1.91 -10.60 11.35
CA THR A 169 -1.58 -9.43 10.57
C THR A 169 -2.89 -9.02 9.92
N VAL A 170 -3.12 -7.72 9.79
CA VAL A 170 -4.32 -7.23 9.15
C VAL A 170 -3.96 -5.99 8.32
N ALA A 171 -4.45 -5.95 7.09
CA ALA A 171 -4.18 -4.85 6.18
C ALA A 171 -5.51 -4.37 5.62
N THR A 172 -5.59 -3.06 5.36
CA THR A 172 -6.80 -2.51 4.79
C THR A 172 -6.55 -1.17 4.10
N ASP A 173 -7.46 -0.78 3.22
CA ASP A 173 -7.30 0.49 2.52
C ASP A 173 -8.60 1.28 2.48
N GLY A 174 -9.50 0.95 3.40
CA GLY A 174 -10.79 1.63 3.45
C GLY A 174 -11.87 0.81 2.75
N HIS A 175 -11.47 0.15 1.65
CA HIS A 175 -12.38 -0.65 0.83
C HIS A 175 -12.36 -2.16 1.08
N ARG A 176 -11.18 -2.77 1.10
CA ARG A 176 -11.11 -4.20 1.37
C ARG A 176 -10.18 -4.44 2.55
N LEU A 177 -10.36 -5.56 3.24
CA LEU A 177 -9.54 -5.84 4.40
C LEU A 177 -9.16 -7.30 4.42
N ALA A 178 -7.92 -7.58 4.79
CA ALA A 178 -7.42 -8.94 4.90
C ALA A 178 -6.82 -9.11 6.27
N VAL A 179 -7.00 -10.29 6.84
CA VAL A 179 -6.48 -10.62 8.16
C VAL A 179 -6.14 -12.11 8.17
N CYS A 180 -5.10 -12.49 8.92
CA CYS A 180 -4.69 -13.88 9.00
C CYS A 180 -4.08 -14.08 10.38
N SER A 181 -4.32 -15.23 11.00
CA SER A 181 -3.79 -15.54 12.32
C SER A 181 -3.15 -16.90 12.28
N MET A 182 -2.06 -17.05 13.02
CA MET A 182 -1.34 -18.33 13.09
C MET A 182 -0.88 -18.58 14.53
N PRO A 183 -0.94 -19.83 14.99
CA PRO A 183 -0.52 -20.17 16.34
C PRO A 183 1.00 -20.26 16.32
N ILE A 184 1.66 -19.77 17.36
CA ILE A 184 3.11 -19.85 17.38
C ILE A 184 3.61 -20.56 18.63
N GLY A 185 2.72 -21.34 19.25
CA GLY A 185 3.07 -22.09 20.43
C GLY A 185 3.87 -21.35 21.49
N GLN A 186 3.46 -20.13 21.79
CA GLN A 186 4.14 -19.30 22.77
C GLN A 186 3.13 -18.32 23.36
N SER A 187 3.12 -18.20 24.69
CA SER A 187 2.21 -17.28 25.36
C SER A 187 2.76 -15.87 25.20
N LEU A 188 2.04 -15.06 24.43
CA LEU A 188 2.47 -13.70 24.15
C LEU A 188 1.58 -12.68 24.84
N PRO A 189 2.16 -11.59 25.34
CA PRO A 189 1.24 -10.64 25.98
C PRO A 189 0.54 -10.03 24.77
N SER A 190 -0.71 -9.59 24.92
CA SER A 190 -1.36 -9.02 23.76
C SER A 190 -0.77 -7.63 23.51
N HIS A 191 -0.34 -7.40 22.27
CA HIS A 191 0.29 -6.16 21.84
C HIS A 191 -0.12 -5.86 20.39
N SER A 192 0.11 -4.64 19.92
CA SER A 192 -0.28 -4.30 18.57
C SER A 192 0.53 -3.11 17.99
N VAL A 193 1.03 -3.24 16.75
CA VAL A 193 1.81 -2.16 16.09
C VAL A 193 1.69 -2.13 14.56
N ILE A 194 1.86 -0.95 13.98
CA ILE A 194 1.77 -0.78 12.54
C ILE A 194 3.14 -0.76 11.88
N VAL A 195 3.40 -1.73 11.01
CA VAL A 195 4.67 -1.77 10.32
C VAL A 195 4.45 -1.09 8.97
N PRO A 196 5.33 -0.15 8.60
CA PRO A 196 5.23 0.59 7.33
C PRO A 196 5.18 -0.32 6.09
N ARG A 197 4.52 0.16 5.03
CA ARG A 197 4.44 -0.61 3.78
C ARG A 197 5.81 -1.10 3.33
N LYS A 198 6.76 -0.17 3.23
CA LYS A 198 8.12 -0.48 2.80
C LYS A 198 8.82 -1.50 3.71
N GLY A 199 8.48 -1.47 5.01
CA GLY A 199 9.06 -2.38 5.96
C GLY A 199 8.58 -3.78 5.68
N VAL A 200 7.27 -3.92 5.54
CA VAL A 200 6.63 -5.21 5.26
C VAL A 200 7.16 -5.84 3.99
N ILE A 201 7.30 -5.05 2.93
CA ILE A 201 7.80 -5.56 1.67
C ILE A 201 9.17 -6.21 1.86
N GLU A 202 10.06 -5.51 2.54
CA GLU A 202 11.40 -6.03 2.80
C GLU A 202 11.42 -7.27 3.65
N LEU A 203 10.62 -7.26 4.70
CA LEU A 203 10.55 -8.41 5.58
C LEU A 203 10.13 -9.57 4.70
N MET A 204 9.11 -9.35 3.90
CA MET A 204 8.62 -10.35 2.97
C MET A 204 9.80 -10.92 2.16
N ARG A 205 10.42 -10.04 1.38
CA ARG A 205 11.57 -10.41 0.56
C ARG A 205 12.59 -11.31 1.25
N MET A 206 13.07 -10.88 2.41
CA MET A 206 14.11 -11.61 3.14
C MET A 206 13.77 -13.00 3.70
N LEU A 207 12.56 -13.50 3.44
CA LEU A 207 12.21 -14.83 3.91
C LEU A 207 12.49 -15.82 2.79
N ASP A 208 13.30 -16.84 3.08
CA ASP A 208 13.62 -17.85 2.07
C ASP A 208 12.94 -19.18 2.41
N GLY A 209 11.91 -19.10 3.25
CA GLY A 209 11.16 -20.28 3.65
C GLY A 209 11.98 -21.30 4.43
N GLY A 210 13.25 -21.46 4.04
CA GLY A 210 14.22 -22.39 4.63
C GLY A 210 14.17 -22.80 6.09
N ASP A 211 15.13 -23.65 6.50
CA ASP A 211 15.18 -24.16 7.87
C ASP A 211 15.30 -23.11 8.98
N ASN A 212 16.06 -22.06 8.71
CA ASN A 212 16.25 -20.98 9.69
C ASN A 212 14.92 -20.44 10.23
N PRO A 213 14.69 -20.56 11.55
CA PRO A 213 13.43 -20.02 12.01
C PRO A 213 13.64 -18.51 12.17
N LEU A 214 12.57 -17.74 12.05
CA LEU A 214 12.65 -16.31 12.18
C LEU A 214 12.56 -15.97 13.66
N ARG A 215 13.13 -14.83 14.04
CA ARG A 215 13.10 -14.39 15.44
C ARG A 215 12.70 -12.92 15.44
N VAL A 216 11.53 -12.62 16.00
CA VAL A 216 11.01 -11.26 16.01
C VAL A 216 11.05 -10.51 17.34
N GLN A 217 11.31 -9.21 17.27
CA GLN A 217 11.39 -8.33 18.45
C GLN A 217 10.65 -7.03 18.24
N ILE A 218 9.56 -6.80 18.94
CA ILE A 218 8.88 -5.54 18.75
C ILE A 218 9.29 -4.60 19.85
N GLY A 219 9.86 -3.47 19.48
CA GLY A 219 10.24 -2.50 20.47
C GLY A 219 9.06 -1.57 20.62
N SER A 220 9.33 -0.31 20.90
CA SER A 220 8.24 0.67 21.08
C SER A 220 8.08 1.54 19.86
N ASN A 221 9.18 1.75 19.12
CA ASN A 221 9.16 2.57 17.92
C ASN A 221 9.82 1.88 16.75
N ASN A 222 10.19 0.61 16.94
CA ASN A 222 10.83 -0.18 15.90
C ASN A 222 10.46 -1.64 16.04
N ILE A 223 10.74 -2.40 14.99
CA ILE A 223 10.49 -3.83 15.02
C ILE A 223 11.70 -4.44 14.36
N ARG A 224 12.15 -5.58 14.89
CA ARG A 224 13.32 -6.23 14.37
C ARG A 224 13.12 -7.70 14.08
N ALA A 225 13.73 -8.16 13.00
CA ALA A 225 13.64 -9.55 12.60
C ALA A 225 15.02 -10.12 12.21
N HIS A 226 15.42 -11.20 12.88
CA HIS A 226 16.68 -11.86 12.61
C HIS A 226 16.36 -13.12 11.85
N VAL A 227 16.86 -13.22 10.62
CA VAL A 227 16.63 -14.40 9.80
C VAL A 227 17.99 -14.89 9.39
N GLY A 228 18.52 -15.85 10.15
CA GLY A 228 19.84 -16.33 9.81
C GLY A 228 20.83 -15.21 10.01
N ASP A 229 21.62 -14.94 8.99
CA ASP A 229 22.64 -13.90 9.09
C ASP A 229 22.23 -12.48 8.73
N PHE A 230 20.92 -12.23 8.66
CA PHE A 230 20.44 -10.90 8.36
C PHE A 230 19.57 -10.39 9.47
N ILE A 231 19.50 -9.07 9.60
CA ILE A 231 18.69 -8.46 10.63
C ILE A 231 18.02 -7.22 10.08
N PHE A 232 16.71 -7.28 10.01
CA PHE A 232 15.94 -6.19 9.49
C PHE A 232 15.32 -5.39 10.61
N THR A 233 15.43 -4.07 10.51
CA THR A 233 14.84 -3.19 11.51
C THR A 233 14.06 -2.12 10.78
N SER A 234 12.87 -1.82 11.29
CA SER A 234 12.02 -0.80 10.71
C SER A 234 11.34 -0.01 11.78
N LYS A 235 10.96 1.22 11.45
CA LYS A 235 10.24 2.08 12.37
C LYS A 235 8.79 1.68 12.21
N LEU A 236 7.99 1.90 13.24
CA LEU A 236 6.58 1.57 13.18
C LEU A 236 5.86 2.83 12.82
N VAL A 237 4.70 2.72 12.21
CA VAL A 237 3.95 3.92 11.87
C VAL A 237 3.36 4.40 13.17
N ASP A 238 3.33 5.71 13.37
CA ASP A 238 2.78 6.25 14.60
C ASP A 238 1.35 6.74 14.40
N GLY A 239 0.39 5.83 14.54
CA GLY A 239 -1.02 6.17 14.38
C GLY A 239 -1.87 5.08 14.99
N ARG A 240 -3.19 5.26 14.97
CA ARG A 240 -4.08 4.26 15.52
C ARG A 240 -4.74 3.50 14.41
N PHE A 241 -4.45 2.21 14.32
CA PHE A 241 -5.03 1.40 13.27
C PHE A 241 -6.49 1.13 13.64
N PRO A 242 -7.39 1.30 12.66
CA PRO A 242 -8.82 1.06 12.89
C PRO A 242 -9.09 -0.35 13.42
N ASP A 243 -10.23 -0.52 14.11
CA ASP A 243 -10.60 -1.82 14.66
C ASP A 243 -11.23 -2.74 13.61
N TYR A 244 -10.46 -3.73 13.18
CA TYR A 244 -10.93 -4.66 12.15
C TYR A 244 -12.10 -5.55 12.57
N ARG A 245 -12.34 -5.66 13.88
CA ARG A 245 -13.41 -6.53 14.37
C ARG A 245 -14.78 -5.89 14.28
N ARG A 246 -14.81 -4.58 14.13
CA ARG A 246 -16.06 -3.86 14.05
C ARG A 246 -16.62 -3.75 12.64
N VAL A 247 -15.84 -4.17 11.66
CA VAL A 247 -16.26 -4.11 10.27
C VAL A 247 -16.53 -5.47 9.64
N LEU A 248 -16.42 -6.53 10.42
CA LEU A 248 -16.70 -7.86 9.92
C LEU A 248 -18.22 -7.97 9.90
N PRO A 249 -18.82 -8.35 8.74
CA PRO A 249 -20.28 -8.47 8.74
C PRO A 249 -20.78 -9.20 9.99
N LYS A 250 -21.70 -8.57 10.71
CA LYS A 250 -22.26 -9.13 11.94
C LYS A 250 -23.37 -10.17 11.83
N ASN A 251 -23.14 -11.35 12.39
CA ASN A 251 -24.11 -12.43 12.36
C ASN A 251 -24.70 -12.57 10.96
N PRO A 252 -23.84 -12.82 9.94
CA PRO A 252 -24.33 -12.97 8.57
C PRO A 252 -25.41 -14.04 8.47
N ASP A 253 -26.38 -13.80 7.60
CA ASP A 253 -27.49 -14.74 7.40
C ASP A 253 -27.51 -15.29 5.97
N LYS A 254 -26.82 -14.62 5.06
CA LYS A 254 -26.74 -15.05 3.67
C LYS A 254 -25.37 -15.67 3.39
N HIS A 255 -25.36 -16.97 3.08
CA HIS A 255 -24.10 -17.68 2.84
C HIS A 255 -24.01 -18.46 1.54
N LEU A 256 -23.11 -18.08 0.63
CA LEU A 256 -22.98 -18.88 -0.58
C LEU A 256 -21.62 -19.55 -0.62
N GLU A 257 -21.53 -20.65 -1.36
CA GLU A 257 -20.28 -21.35 -1.49
C GLU A 257 -20.12 -21.86 -2.91
N ALA A 258 -18.99 -21.56 -3.54
CA ALA A 258 -18.74 -21.99 -4.91
C ALA A 258 -17.31 -22.51 -5.10
N GLY A 259 -17.00 -22.89 -6.32
CA GLY A 259 -15.65 -23.34 -6.61
C GLY A 259 -14.82 -22.09 -6.83
N CYS A 260 -13.77 -21.95 -6.05
CA CYS A 260 -12.88 -20.81 -6.17
C CYS A 260 -12.53 -20.60 -7.66
N ASP A 261 -11.85 -21.58 -8.23
CA ASP A 261 -11.44 -21.61 -9.63
C ASP A 261 -12.55 -21.18 -10.60
N LEU A 262 -13.78 -21.61 -10.31
CA LEU A 262 -14.95 -21.30 -11.13
C LEU A 262 -15.40 -19.85 -10.92
N LEU A 263 -15.44 -19.42 -9.66
CA LEU A 263 -15.81 -18.06 -9.34
C LEU A 263 -14.84 -17.14 -10.04
N LYS A 264 -13.55 -17.50 -10.04
CA LYS A 264 -12.53 -16.70 -10.70
C LYS A 264 -12.84 -16.59 -12.18
N GLN A 265 -12.96 -17.74 -12.83
CA GLN A 265 -13.24 -17.80 -14.26
C GLN A 265 -14.43 -16.92 -14.64
N ALA A 266 -15.52 -16.99 -13.87
CA ALA A 266 -16.70 -16.18 -14.16
C ALA A 266 -16.43 -14.68 -14.09
N PHE A 267 -15.73 -14.23 -13.04
CA PHE A 267 -15.39 -12.79 -12.88
C PHE A 267 -14.43 -12.35 -13.98
N ALA A 268 -13.56 -13.27 -14.41
CA ALA A 268 -12.58 -13.00 -15.46
C ALA A 268 -13.25 -12.64 -16.78
N ARG A 269 -14.36 -13.30 -17.10
CA ARG A 269 -15.05 -12.99 -18.34
C ARG A 269 -16.19 -12.01 -18.13
N ALA A 270 -16.37 -11.54 -16.90
CA ALA A 270 -17.38 -10.54 -16.61
C ALA A 270 -16.57 -9.25 -16.78
N ALA A 271 -15.26 -9.39 -16.54
CA ALA A 271 -14.31 -8.30 -16.68
C ALA A 271 -14.08 -8.06 -18.16
N ALA A 272 -13.71 -9.12 -18.87
CA ALA A 272 -13.46 -9.04 -20.30
C ALA A 272 -14.65 -8.44 -21.05
N ALA A 273 -15.87 -8.76 -20.60
CA ALA A 273 -17.08 -8.27 -21.25
C ALA A 273 -17.38 -6.80 -20.95
N SER A 274 -16.84 -6.28 -19.87
CA SER A 274 -17.09 -4.90 -19.49
C SER A 274 -16.25 -3.87 -20.26
N ASN A 275 -16.93 -2.96 -20.97
CA ASN A 275 -16.25 -1.90 -21.70
C ASN A 275 -15.90 -0.78 -20.72
N GLU A 276 -16.72 -0.65 -19.67
CA GLU A 276 -16.51 0.33 -18.61
C GLU A 276 -15.97 -0.51 -17.46
N LYS A 277 -14.66 -0.63 -17.33
CA LYS A 277 -14.10 -1.48 -16.26
C LYS A 277 -14.16 -0.87 -14.86
N PHE A 278 -14.62 0.36 -14.78
CA PHE A 278 -14.72 1.05 -13.49
C PHE A 278 -16.09 0.74 -12.93
N ARG A 279 -16.97 0.30 -13.81
CA ARG A 279 -18.33 -0.04 -13.44
C ARG A 279 -18.38 -1.26 -12.55
N GLY A 280 -17.43 -2.17 -12.74
CA GLY A 280 -17.39 -3.37 -11.92
C GLY A 280 -18.43 -4.41 -12.30
N VAL A 281 -18.69 -5.32 -11.37
CA VAL A 281 -19.62 -6.41 -11.56
C VAL A 281 -20.85 -6.30 -10.69
N ARG A 282 -21.90 -7.00 -11.08
CA ARG A 282 -23.18 -7.04 -10.37
C ARG A 282 -23.58 -8.50 -10.18
N LEU A 283 -23.70 -8.91 -8.93
CA LEU A 283 -24.06 -10.29 -8.64
C LEU A 283 -25.50 -10.41 -8.17
N TYR A 284 -26.07 -11.57 -8.39
CA TYR A 284 -27.42 -11.82 -7.94
C TYR A 284 -27.47 -13.20 -7.32
N VAL A 285 -27.84 -13.24 -6.06
CA VAL A 285 -27.93 -14.49 -5.36
C VAL A 285 -29.37 -14.87 -5.11
N SER A 286 -29.66 -16.13 -5.41
CA SER A 286 -30.98 -16.72 -5.24
C SER A 286 -30.68 -18.19 -4.92
N GLU A 287 -31.61 -18.84 -4.23
CA GLU A 287 -31.42 -20.23 -3.82
C GLU A 287 -30.53 -21.06 -4.73
N ASN A 288 -29.40 -21.47 -4.19
CA ASN A 288 -28.42 -22.30 -4.90
C ASN A 288 -28.01 -21.81 -6.28
N GLN A 289 -28.02 -20.49 -6.47
CA GLN A 289 -27.67 -19.92 -7.76
C GLN A 289 -27.03 -18.54 -7.70
N LEU A 290 -26.16 -18.26 -8.65
CA LEU A 290 -25.50 -16.96 -8.71
C LEU A 290 -25.45 -16.40 -10.13
N LYS A 291 -26.17 -15.32 -10.37
CA LYS A 291 -26.15 -14.69 -11.68
C LYS A 291 -25.17 -13.53 -11.58
N ILE A 292 -24.05 -13.63 -12.27
CA ILE A 292 -23.09 -12.54 -12.24
C ILE A 292 -23.18 -11.78 -13.57
N THR A 293 -22.92 -10.48 -13.52
CA THR A 293 -23.01 -9.67 -14.73
C THR A 293 -22.19 -8.41 -14.63
N ALA A 294 -21.38 -8.13 -15.66
CA ALA A 294 -20.60 -6.91 -15.68
C ALA A 294 -21.72 -5.90 -15.87
N ASN A 295 -21.76 -4.81 -15.11
CA ASN A 295 -22.86 -3.89 -15.31
C ASN A 295 -22.51 -2.57 -16.00
N ASN A 296 -23.23 -2.35 -17.11
CA ASN A 296 -23.14 -1.16 -17.96
C ASN A 296 -24.62 -0.73 -18.09
N PRO A 297 -25.04 0.29 -17.31
CA PRO A 297 -26.39 0.88 -17.26
C PRO A 297 -27.21 1.15 -18.52
N GLU A 298 -26.58 1.68 -19.57
CA GLU A 298 -27.29 2.00 -20.81
C GLU A 298 -27.39 0.93 -21.89
N GLN A 299 -26.72 -0.21 -21.68
CA GLN A 299 -26.76 -1.32 -22.63
C GLN A 299 -27.41 -2.54 -21.97
N GLU A 300 -28.14 -3.34 -22.74
CA GLU A 300 -28.73 -4.56 -22.18
C GLU A 300 -27.52 -5.49 -22.09
N GLU A 301 -27.58 -6.51 -21.23
CA GLU A 301 -26.42 -7.39 -21.12
C GLU A 301 -26.64 -8.88 -20.97
N ALA A 302 -25.56 -9.60 -21.22
CA ALA A 302 -25.54 -11.04 -21.10
C ALA A 302 -25.07 -11.34 -19.70
N GLU A 303 -25.80 -12.18 -18.99
CA GLU A 303 -25.40 -12.56 -17.66
C GLU A 303 -25.03 -14.02 -17.70
N GLU A 304 -24.13 -14.43 -16.81
CA GLU A 304 -23.74 -15.81 -16.73
C GLU A 304 -24.24 -16.32 -15.39
N ILE A 305 -24.89 -17.47 -15.41
CA ILE A 305 -25.42 -18.05 -14.19
C ILE A 305 -24.50 -19.18 -13.78
N LEU A 306 -24.26 -19.28 -12.48
CA LEU A 306 -23.39 -20.31 -11.92
C LEU A 306 -24.14 -21.19 -10.94
N ASP A 307 -23.79 -22.47 -10.90
CA ASP A 307 -24.40 -23.38 -9.96
C ASP A 307 -23.57 -23.25 -8.68
N VAL A 308 -24.22 -22.74 -7.65
CA VAL A 308 -23.56 -22.49 -6.41
C VAL A 308 -24.44 -23.03 -5.30
N THR A 309 -23.90 -23.10 -4.09
CA THR A 309 -24.65 -23.55 -2.93
C THR A 309 -25.01 -22.28 -2.19
N TYR A 310 -26.24 -21.83 -2.31
CA TYR A 310 -26.72 -20.63 -1.62
C TYR A 310 -28.13 -20.88 -1.14
N SER A 311 -28.67 -19.97 -0.34
CA SER A 311 -30.03 -20.06 0.19
C SER A 311 -30.29 -19.00 1.26
N GLY A 312 -31.57 -18.85 1.60
CA GLY A 312 -31.93 -17.87 2.61
C GLY A 312 -32.87 -16.80 2.10
N ALA A 313 -32.30 -15.76 1.50
CA ALA A 313 -33.06 -14.64 0.95
C ALA A 313 -32.26 -14.18 -0.25
N GLU A 314 -32.91 -14.04 -1.40
CA GLU A 314 -32.16 -13.62 -2.58
C GLU A 314 -31.88 -12.13 -2.56
N MET A 315 -30.82 -11.74 -3.24
CA MET A 315 -30.44 -10.34 -3.29
C MET A 315 -29.46 -10.02 -4.41
N GLU A 316 -29.27 -8.73 -4.64
CA GLU A 316 -28.34 -8.25 -5.66
C GLU A 316 -27.30 -7.39 -4.94
N ILE A 317 -26.10 -7.29 -5.52
CA ILE A 317 -25.03 -6.51 -4.90
C ILE A 317 -23.88 -6.26 -5.90
N GLY A 318 -23.36 -5.03 -5.92
CA GLY A 318 -22.29 -4.70 -6.84
C GLY A 318 -20.91 -4.90 -6.26
N PHE A 319 -19.96 -5.31 -7.10
CA PHE A 319 -18.57 -5.52 -6.68
C PHE A 319 -17.55 -5.06 -7.66
N ASN A 320 -16.37 -4.74 -7.14
CA ASN A 320 -15.22 -4.30 -7.94
C ASN A 320 -14.46 -5.61 -8.23
N VAL A 321 -14.39 -5.97 -9.50
CA VAL A 321 -13.73 -7.23 -9.84
C VAL A 321 -12.35 -7.41 -9.20
N SER A 322 -11.52 -6.37 -9.19
CA SER A 322 -10.18 -6.45 -8.58
C SER A 322 -10.26 -7.04 -7.18
N TYR A 323 -10.91 -6.31 -6.29
CA TYR A 323 -11.07 -6.72 -4.91
C TYR A 323 -11.39 -8.19 -4.77
N VAL A 324 -12.41 -8.64 -5.48
CA VAL A 324 -12.84 -10.03 -5.44
C VAL A 324 -11.79 -10.99 -5.99
N LEU A 325 -11.27 -10.71 -7.17
CA LEU A 325 -10.26 -11.58 -7.73
C LEU A 325 -9.04 -11.62 -6.84
N ASP A 326 -8.67 -10.47 -6.29
CA ASP A 326 -7.52 -10.41 -5.39
C ASP A 326 -7.69 -11.46 -4.31
N VAL A 327 -8.88 -11.51 -3.73
CA VAL A 327 -9.20 -12.45 -2.66
C VAL A 327 -9.17 -13.90 -3.14
N LEU A 328 -9.73 -14.15 -4.31
CA LEU A 328 -9.76 -15.51 -4.84
C LEU A 328 -8.34 -16.02 -5.11
N ASN A 329 -7.50 -15.14 -5.62
CA ASN A 329 -6.12 -15.52 -5.90
C ASN A 329 -5.37 -15.72 -4.60
N ALA A 330 -5.74 -14.95 -3.58
CA ALA A 330 -5.12 -15.08 -2.27
C ALA A 330 -5.56 -16.39 -1.62
N LEU A 331 -6.85 -16.72 -1.74
CA LEU A 331 -7.39 -17.97 -1.19
C LEU A 331 -7.13 -19.11 -2.19
N LYS A 332 -5.87 -19.46 -2.44
CA LYS A 332 -5.59 -20.52 -3.40
C LYS A 332 -6.16 -21.87 -2.93
N CYS A 333 -7.43 -22.14 -3.23
CA CYS A 333 -8.06 -23.40 -2.81
C CYS A 333 -9.16 -23.89 -3.76
N GLU A 334 -9.81 -24.97 -3.36
CA GLU A 334 -10.91 -25.57 -4.14
C GLU A 334 -12.20 -24.79 -4.06
N ASN A 335 -12.80 -24.79 -2.87
CA ASN A 335 -14.05 -24.08 -2.68
C ASN A 335 -13.91 -22.87 -1.77
N VAL A 336 -14.73 -21.86 -2.08
CA VAL A 336 -14.75 -20.61 -1.36
C VAL A 336 -16.12 -20.40 -0.75
N ARG A 337 -16.15 -19.64 0.33
CA ARG A 337 -17.39 -19.32 1.01
C ARG A 337 -17.50 -17.81 1.09
N MET A 338 -18.71 -17.30 1.01
CA MET A 338 -18.92 -15.87 1.06
C MET A 338 -20.09 -15.59 1.97
N MET A 339 -19.97 -14.59 2.84
CA MET A 339 -21.05 -14.27 3.75
C MET A 339 -21.52 -12.86 3.56
N LEU A 340 -22.80 -12.74 3.23
CA LEU A 340 -23.40 -11.46 2.95
C LEU A 340 -24.46 -11.00 3.94
N THR A 341 -24.99 -9.83 3.66
CA THR A 341 -26.00 -9.21 4.50
C THR A 341 -26.99 -8.36 3.69
N ASP A 342 -26.41 -7.25 3.23
CA ASP A 342 -26.99 -6.18 2.44
C ASP A 342 -26.28 -5.97 1.12
N SER A 343 -26.82 -5.03 0.36
CA SER A 343 -26.30 -4.68 -0.94
C SER A 343 -25.48 -3.44 -0.67
N VAL A 344 -25.48 -3.05 0.61
CA VAL A 344 -24.77 -1.85 1.09
C VAL A 344 -23.75 -2.14 2.21
N SER A 345 -23.88 -3.29 2.86
CA SER A 345 -22.94 -3.65 3.90
C SER A 345 -21.90 -4.65 3.36
N SER A 346 -20.75 -4.72 4.05
CA SER A 346 -19.65 -5.59 3.66
C SER A 346 -19.99 -7.06 3.52
N VAL A 347 -19.06 -7.77 2.90
CA VAL A 347 -19.15 -9.20 2.65
C VAL A 347 -17.86 -9.82 3.16
N GLN A 348 -17.87 -11.12 3.43
CA GLN A 348 -16.70 -11.77 3.94
C GLN A 348 -16.36 -13.02 3.12
N ILE A 349 -15.26 -12.99 2.38
CA ILE A 349 -14.85 -14.14 1.57
C ILE A 349 -13.90 -14.97 2.42
N GLU A 350 -13.91 -16.28 2.21
CA GLU A 350 -13.09 -17.14 3.04
C GLU A 350 -12.97 -18.54 2.45
N ASP A 351 -11.89 -19.24 2.80
CA ASP A 351 -11.67 -20.62 2.35
C ASP A 351 -12.82 -21.39 3.00
N ALA A 352 -13.33 -22.41 2.31
CA ALA A 352 -14.42 -23.22 2.86
C ALA A 352 -13.85 -24.25 3.83
N ALA A 353 -12.52 -24.43 3.78
CA ALA A 353 -11.82 -25.39 4.64
C ALA A 353 -11.21 -24.80 5.93
N SER A 354 -10.20 -23.92 5.78
CA SER A 354 -9.56 -23.32 6.95
C SER A 354 -10.08 -21.92 7.21
N GLN A 355 -9.88 -21.44 8.43
CA GLN A 355 -10.32 -20.10 8.78
C GLN A 355 -9.18 -19.23 9.30
N SER A 356 -7.96 -19.54 8.86
CA SER A 356 -6.77 -18.78 9.25
C SER A 356 -6.93 -17.37 8.71
N ALA A 357 -7.24 -17.30 7.41
CA ALA A 357 -7.41 -16.03 6.70
C ALA A 357 -8.86 -15.71 6.41
N ALA A 358 -9.18 -14.42 6.49
CA ALA A 358 -10.52 -13.92 6.25
C ALA A 358 -10.41 -12.60 5.51
N TYR A 359 -11.29 -12.39 4.53
CA TYR A 359 -11.28 -11.16 3.75
C TYR A 359 -12.64 -10.48 3.78
N VAL A 360 -12.63 -9.17 3.98
CA VAL A 360 -13.86 -8.38 4.02
C VAL A 360 -13.81 -7.36 2.88
N VAL A 361 -14.79 -7.43 1.99
CA VAL A 361 -14.85 -6.50 0.86
C VAL A 361 -16.15 -5.69 0.88
N MET A 362 -16.03 -4.39 0.70
CA MET A 362 -17.20 -3.50 0.68
C MET A 362 -17.83 -3.43 -0.70
N PRO A 363 -19.14 -3.73 -0.80
CA PRO A 363 -19.83 -3.70 -2.09
C PRO A 363 -19.76 -2.34 -2.78
N MET A 364 -20.05 -2.33 -4.07
CA MET A 364 -20.01 -1.13 -4.90
C MET A 364 -21.38 -0.43 -4.97
N ARG A 365 -21.40 0.83 -5.40
CA ARG A 365 -22.65 1.60 -5.51
C ARG A 365 -23.70 0.86 -6.34
N LEU A 366 -23.33 0.48 -7.57
CA LEU A 366 -24.23 -0.26 -8.47
C LEU A 366 -25.11 0.67 -9.31
N MET B 1 -26.05 28.15 -10.09
CA MET B 1 -24.66 28.05 -9.65
C MET B 1 -24.15 29.34 -9.01
N ILE B 2 -23.89 29.30 -7.70
CA ILE B 2 -23.37 30.45 -6.97
C ILE B 2 -21.99 30.85 -7.46
N ARG B 3 -21.66 32.14 -7.37
CA ARG B 3 -20.35 32.64 -7.77
C ARG B 3 -19.82 33.54 -6.69
N LEU B 4 -18.93 33.01 -5.85
CA LEU B 4 -18.40 33.82 -4.78
C LEU B 4 -16.88 33.80 -4.67
N TYR B 5 -16.30 35.01 -4.66
CA TYR B 5 -14.87 35.24 -4.56
C TYR B 5 -14.17 34.54 -3.39
N PRO B 6 -12.84 34.34 -3.49
CA PRO B 6 -12.02 33.69 -2.47
C PRO B 6 -12.29 34.20 -1.05
N GLU B 7 -12.27 35.52 -0.90
CA GLU B 7 -12.49 36.21 0.37
C GLU B 7 -13.72 35.74 1.16
N GLN B 8 -14.82 35.50 0.45
CA GLN B 8 -16.09 35.10 1.06
C GLN B 8 -16.31 33.60 1.25
N LEU B 9 -15.33 32.78 0.87
CA LEU B 9 -15.46 31.33 1.02
C LEU B 9 -15.79 30.90 2.44
N ARG B 10 -14.95 31.33 3.39
CA ARG B 10 -15.15 30.98 4.79
C ARG B 10 -16.59 31.11 5.26
N ALA B 11 -17.37 31.96 4.61
CA ALA B 11 -18.76 32.16 4.99
C ALA B 11 -19.70 31.15 4.32
N GLN B 12 -19.63 31.07 2.99
CA GLN B 12 -20.48 30.18 2.21
C GLN B 12 -20.16 28.70 2.35
N LEU B 13 -18.91 28.39 2.68
CA LEU B 13 -18.44 27.01 2.87
C LEU B 13 -18.71 26.59 4.31
N ASN B 14 -18.96 27.58 5.16
CA ASN B 14 -19.25 27.37 6.57
C ASN B 14 -20.72 27.04 6.76
N GLU B 15 -21.56 27.75 6.03
CA GLU B 15 -23.01 27.58 6.07
C GLU B 15 -23.44 26.39 5.21
N GLY B 16 -22.97 26.38 3.97
CA GLY B 16 -23.31 25.31 3.04
C GLY B 16 -22.09 24.70 2.36
N LEU B 17 -22.07 23.36 2.32
CA LEU B 17 -20.98 22.58 1.71
C LEU B 17 -21.55 21.84 0.48
N ARG B 18 -21.11 22.24 -0.71
CA ARG B 18 -21.58 21.65 -1.96
C ARG B 18 -21.06 20.25 -2.29
N ALA B 19 -21.55 19.70 -3.39
CA ALA B 19 -21.12 18.38 -3.86
C ALA B 19 -20.11 18.61 -4.96
N ALA B 20 -19.81 19.89 -5.22
CA ALA B 20 -18.84 20.30 -6.23
C ALA B 20 -18.32 21.73 -5.96
N TYR B 21 -17.07 21.98 -6.33
CA TYR B 21 -16.42 23.28 -6.14
C TYR B 21 -15.42 23.57 -7.24
N LEU B 22 -15.74 24.57 -8.06
CA LEU B 22 -14.85 24.93 -9.15
C LEU B 22 -13.97 26.12 -8.76
N LEU B 23 -12.75 25.84 -8.35
CA LEU B 23 -11.81 26.89 -7.95
C LEU B 23 -10.94 27.28 -9.13
N LEU B 24 -11.50 28.10 -10.01
CA LEU B 24 -10.82 28.57 -11.21
C LEU B 24 -10.08 29.88 -10.96
N GLY B 25 -9.10 30.16 -11.81
CA GLY B 25 -8.30 31.36 -11.66
C GLY B 25 -6.83 31.01 -11.59
N ASN B 26 -5.98 31.84 -12.18
CA ASN B 26 -4.54 31.57 -12.18
C ASN B 26 -3.79 32.13 -10.97
N ASP B 27 -4.52 32.42 -9.89
CA ASP B 27 -3.91 32.94 -8.67
C ASP B 27 -3.28 31.81 -7.84
N PRO B 28 -2.01 31.96 -7.46
CA PRO B 28 -1.30 30.94 -6.68
C PRO B 28 -1.87 30.70 -5.28
N LEU B 29 -2.04 31.76 -4.51
CA LEU B 29 -2.53 31.62 -3.16
C LEU B 29 -4.04 31.46 -3.02
N LEU B 30 -4.81 32.26 -3.76
CA LEU B 30 -6.27 32.18 -3.68
C LEU B 30 -6.79 30.78 -3.96
N LEU B 31 -6.30 30.16 -5.05
CA LEU B 31 -6.71 28.81 -5.41
C LEU B 31 -6.48 27.89 -4.21
N GLN B 32 -5.22 27.78 -3.79
CA GLN B 32 -4.86 26.94 -2.64
C GLN B 32 -5.74 27.23 -1.44
N GLU B 33 -5.69 28.46 -0.94
CA GLU B 33 -6.48 28.87 0.22
C GLU B 33 -7.92 28.35 0.14
N SER B 34 -8.54 28.48 -1.02
CA SER B 34 -9.92 28.05 -1.22
C SER B 34 -10.10 26.54 -1.07
N GLN B 35 -9.18 25.76 -1.64
CA GLN B 35 -9.27 24.30 -1.55
C GLN B 35 -8.90 23.84 -0.14
N ASP B 36 -7.93 24.53 0.45
CA ASP B 36 -7.47 24.24 1.80
C ASP B 36 -8.58 24.67 2.75
N ALA B 37 -9.54 25.40 2.21
CA ALA B 37 -10.69 25.87 2.97
C ALA B 37 -11.78 24.81 2.90
N VAL B 38 -11.93 24.20 1.72
CA VAL B 38 -12.94 23.17 1.52
C VAL B 38 -12.48 21.86 2.15
N ARG B 39 -11.22 21.49 1.91
CA ARG B 39 -10.67 20.25 2.48
C ARG B 39 -10.55 20.39 4.00
N GLN B 40 -10.75 21.63 4.47
CA GLN B 40 -10.69 21.95 5.89
C GLN B 40 -12.08 21.75 6.49
N VAL B 41 -13.07 22.46 5.94
CA VAL B 41 -14.44 22.35 6.41
C VAL B 41 -14.96 20.96 6.07
N ALA B 42 -14.29 20.33 5.11
CA ALA B 42 -14.64 18.99 4.69
C ALA B 42 -14.34 18.06 5.86
N ALA B 43 -13.06 17.90 6.14
CA ALA B 43 -12.60 17.06 7.24
C ALA B 43 -13.58 17.18 8.40
N ALA B 44 -14.15 18.37 8.56
CA ALA B 44 -15.12 18.66 9.61
C ALA B 44 -16.19 17.58 9.70
N GLN B 45 -16.82 17.28 8.57
CA GLN B 45 -17.91 16.31 8.55
C GLN B 45 -17.69 14.91 7.92
N GLY B 46 -16.82 14.11 8.54
CA GLY B 46 -16.55 12.75 8.08
C GLY B 46 -15.57 12.44 6.96
N PHE B 47 -15.07 13.46 6.27
CA PHE B 47 -14.15 13.28 5.15
C PHE B 47 -12.68 13.07 5.53
N GLU B 48 -12.33 11.81 5.86
CA GLU B 48 -10.96 11.44 6.25
C GLU B 48 -10.15 10.99 5.03
N GLU B 49 -10.84 10.49 4.02
CA GLU B 49 -10.20 10.03 2.81
C GLU B 49 -10.20 11.12 1.75
N HIS B 50 -9.02 11.56 1.37
CA HIS B 50 -8.91 12.60 0.35
C HIS B 50 -8.11 12.04 -0.80
N HIS B 51 -8.32 12.60 -1.97
CA HIS B 51 -7.59 12.18 -3.14
C HIS B 51 -7.32 13.39 -3.98
N THR B 52 -6.60 13.19 -5.06
CA THR B 52 -6.24 14.27 -5.96
C THR B 52 -5.65 13.67 -7.22
N PHE B 53 -5.90 14.31 -8.36
CA PHE B 53 -5.39 13.81 -9.63
C PHE B 53 -4.87 14.94 -10.50
N SER B 54 -3.79 14.69 -11.23
CA SER B 54 -3.24 15.69 -12.13
C SER B 54 -3.79 15.36 -13.52
N ILE B 55 -4.92 15.99 -13.86
CA ILE B 55 -5.61 15.77 -15.14
C ILE B 55 -4.76 16.03 -16.39
N ASP B 56 -4.46 14.96 -17.14
CA ASP B 56 -3.68 15.05 -18.37
C ASP B 56 -4.01 13.85 -19.30
N PRO B 57 -3.28 13.69 -20.42
CA PRO B 57 -3.59 12.56 -21.29
C PRO B 57 -3.08 11.21 -20.78
N ASN B 58 -2.68 11.15 -19.51
CA ASN B 58 -2.17 9.93 -18.91
C ASN B 58 -2.98 9.41 -17.70
N THR B 59 -3.73 10.30 -17.05
CA THR B 59 -4.51 9.94 -15.87
C THR B 59 -5.42 8.72 -16.01
N ASP B 60 -5.36 7.84 -15.02
CA ASP B 60 -6.18 6.64 -15.01
C ASP B 60 -7.55 7.03 -14.49
N TRP B 61 -8.49 7.23 -15.41
CA TRP B 61 -9.82 7.65 -15.03
C TRP B 61 -10.70 6.58 -14.40
N ASN B 62 -10.31 5.32 -14.52
CA ASN B 62 -11.09 4.25 -13.91
C ASN B 62 -10.90 4.34 -12.42
N ALA B 63 -9.67 4.66 -12.01
CA ALA B 63 -9.38 4.81 -10.61
C ALA B 63 -10.37 5.84 -10.07
N ILE B 64 -10.48 6.97 -10.79
CA ILE B 64 -11.39 8.06 -10.42
C ILE B 64 -12.84 7.58 -10.39
N PHE B 65 -13.36 7.26 -11.57
CA PHE B 65 -14.74 6.79 -11.71
C PHE B 65 -15.14 5.67 -10.76
N SER B 66 -14.26 4.69 -10.58
CA SER B 66 -14.56 3.56 -9.70
C SER B 66 -14.35 3.98 -8.27
N LEU B 67 -13.77 5.17 -8.09
CA LEU B 67 -13.53 5.68 -6.75
C LEU B 67 -14.81 6.30 -6.24
N CYS B 68 -15.51 6.99 -7.14
CA CYS B 68 -16.79 7.62 -6.81
C CYS B 68 -17.77 6.47 -6.59
N GLN B 69 -17.47 5.34 -7.24
CA GLN B 69 -18.29 4.14 -7.20
C GLN B 69 -18.14 3.29 -5.93
N ALA B 70 -17.02 3.43 -5.24
CA ALA B 70 -16.77 2.64 -4.04
C ALA B 70 -17.46 3.07 -2.75
N MET B 71 -17.59 2.11 -1.84
CA MET B 71 -18.17 2.32 -0.52
C MET B 71 -17.07 1.95 0.48
N SER B 72 -16.91 2.75 1.53
CA SER B 72 -15.89 2.54 2.54
C SER B 72 -16.35 1.73 3.76
N LEU B 73 -15.43 0.90 4.28
CA LEU B 73 -15.68 0.04 5.44
C LEU B 73 -15.86 0.87 6.69
N PHE B 74 -15.23 2.04 6.71
CA PHE B 74 -15.29 2.93 7.86
C PHE B 74 -16.08 4.21 7.57
N ALA B 75 -16.97 4.14 6.59
CA ALA B 75 -17.79 5.27 6.21
C ALA B 75 -17.04 6.57 5.94
N SER B 76 -15.71 6.54 5.81
CA SER B 76 -14.94 7.77 5.57
C SER B 76 -15.27 8.43 4.23
N ARG B 77 -15.95 9.58 4.30
CA ARG B 77 -16.32 10.32 3.08
C ARG B 77 -15.07 10.78 2.35
N GLN B 78 -15.19 10.98 1.04
CA GLN B 78 -14.05 11.37 0.23
C GLN B 78 -14.11 12.76 -0.39
N THR B 79 -12.92 13.34 -0.58
CA THR B 79 -12.76 14.66 -1.15
C THR B 79 -11.95 14.56 -2.44
N LEU B 80 -12.64 14.41 -3.56
CA LEU B 80 -11.95 14.27 -4.83
C LEU B 80 -11.53 15.56 -5.50
N LEU B 81 -10.30 15.99 -5.25
CA LEU B 81 -9.79 17.19 -5.89
C LEU B 81 -9.25 16.78 -7.27
N LEU B 82 -9.10 17.76 -8.17
CA LEU B 82 -8.56 17.49 -9.50
C LEU B 82 -7.81 18.73 -9.96
N LEU B 83 -6.55 18.55 -10.34
CA LEU B 83 -5.72 19.65 -10.80
C LEU B 83 -5.80 19.78 -12.31
N LEU B 84 -6.91 20.33 -12.81
CA LEU B 84 -7.07 20.50 -14.25
C LEU B 84 -5.84 21.17 -14.87
N PRO B 85 -5.66 20.98 -16.18
CA PRO B 85 -4.52 21.55 -16.92
C PRO B 85 -4.59 23.08 -16.93
N GLU B 86 -3.43 23.72 -16.92
CA GLU B 86 -3.33 25.19 -16.90
C GLU B 86 -3.95 25.88 -18.12
N ASN B 87 -4.35 25.09 -19.11
CA ASN B 87 -4.97 25.64 -20.31
C ASN B 87 -6.42 25.16 -20.47
N GLY B 88 -7.07 24.87 -19.34
CA GLY B 88 -8.44 24.42 -19.37
C GLY B 88 -8.58 22.96 -19.79
N PRO B 89 -9.78 22.38 -19.71
CA PRO B 89 -9.99 20.98 -20.09
C PRO B 89 -9.54 20.70 -21.54
N ASN B 90 -9.02 19.51 -21.78
CA ASN B 90 -8.53 19.12 -23.10
C ASN B 90 -9.65 18.56 -24.00
N ALA B 91 -9.30 18.23 -25.23
CA ALA B 91 -10.22 17.69 -26.23
C ALA B 91 -11.40 16.87 -25.69
N ALA B 92 -11.11 15.85 -24.89
CA ALA B 92 -12.16 15.00 -24.34
C ALA B 92 -12.28 14.97 -22.82
N ILE B 93 -11.51 15.80 -22.13
CA ILE B 93 -11.60 15.84 -20.68
C ILE B 93 -13.01 16.31 -20.35
N ASN B 94 -13.70 16.77 -21.40
CA ASN B 94 -15.06 17.26 -21.30
C ASN B 94 -16.06 16.10 -21.37
N GLU B 95 -15.54 14.90 -21.61
CA GLU B 95 -16.37 13.69 -21.70
C GLU B 95 -16.35 12.99 -20.35
N GLN B 96 -15.14 12.69 -19.90
CA GLN B 96 -14.96 12.01 -18.63
C GLN B 96 -15.47 12.87 -17.50
N LEU B 97 -15.26 14.18 -17.61
CA LEU B 97 -15.76 15.08 -16.59
C LEU B 97 -17.27 15.00 -16.63
N LEU B 98 -17.82 14.69 -17.80
CA LEU B 98 -19.26 14.56 -17.99
C LEU B 98 -19.66 13.23 -17.35
N THR B 99 -18.85 12.22 -17.59
CA THR B 99 -19.09 10.90 -17.02
C THR B 99 -19.06 11.14 -15.52
N LEU B 100 -18.02 11.83 -15.08
CA LEU B 100 -17.81 12.13 -13.67
C LEU B 100 -18.97 12.86 -13.02
N THR B 101 -19.59 13.79 -13.75
CA THR B 101 -20.72 14.56 -13.22
C THR B 101 -21.88 13.63 -12.96
N GLY B 102 -21.79 12.43 -13.54
CA GLY B 102 -22.83 11.43 -13.39
C GLY B 102 -22.53 10.54 -12.20
N LEU B 103 -21.25 10.24 -11.98
CA LEU B 103 -20.80 9.40 -10.87
C LEU B 103 -21.01 10.06 -9.51
N LEU B 104 -21.18 11.38 -9.50
CA LEU B 104 -21.34 12.11 -8.23
C LEU B 104 -22.53 11.73 -7.36
N HIS B 105 -22.27 11.47 -6.08
CA HIS B 105 -23.33 11.13 -5.11
C HIS B 105 -23.06 12.06 -3.92
N ASP B 106 -23.70 11.88 -2.77
CA ASP B 106 -23.41 12.82 -1.72
C ASP B 106 -22.19 12.70 -0.83
N ASP B 107 -21.60 11.51 -0.68
CA ASP B 107 -20.39 11.40 0.15
C ASP B 107 -19.17 11.99 -0.52
N LEU B 108 -19.18 11.93 -1.83
CA LEU B 108 -18.09 12.41 -2.66
C LEU B 108 -18.19 13.91 -2.97
N LEU B 109 -17.21 14.66 -2.46
CA LEU B 109 -17.15 16.10 -2.67
C LEU B 109 -16.17 16.44 -3.79
N LEU B 110 -16.68 16.63 -4.99
CA LEU B 110 -15.82 16.94 -6.10
C LEU B 110 -15.23 18.33 -5.92
N ILE B 111 -13.95 18.46 -6.23
CA ILE B 111 -13.28 19.75 -6.14
C ILE B 111 -12.40 19.86 -7.37
N VAL B 112 -12.82 20.66 -8.32
CA VAL B 112 -12.04 20.85 -9.52
C VAL B 112 -11.23 22.11 -9.32
N ARG B 113 -10.05 22.18 -9.93
CA ARG B 113 -9.20 23.35 -9.80
C ARG B 113 -8.45 23.66 -11.10
N GLY B 114 -7.89 24.87 -11.18
CA GLY B 114 -7.15 25.31 -12.35
C GLY B 114 -7.24 26.82 -12.51
N ASN B 115 -7.28 27.28 -13.76
CA ASN B 115 -7.36 28.72 -14.05
C ASN B 115 -8.68 29.09 -14.75
N LYS B 116 -8.93 30.39 -14.92
CA LYS B 116 -10.15 30.86 -15.59
C LYS B 116 -10.68 29.87 -16.61
N LEU B 117 -11.95 29.50 -16.48
CA LEU B 117 -12.57 28.55 -17.39
C LEU B 117 -12.38 28.99 -18.83
N SER B 118 -11.92 28.06 -19.67
CA SER B 118 -11.67 28.28 -21.11
C SER B 118 -12.79 29.17 -21.71
N LYS B 119 -12.46 30.45 -21.93
CA LYS B 119 -13.34 31.51 -22.47
C LYS B 119 -14.82 31.28 -22.69
N ALA B 120 -15.18 30.52 -23.72
CA ALA B 120 -16.58 30.26 -24.03
C ALA B 120 -16.76 28.75 -23.92
N GLN B 121 -15.64 28.04 -23.88
CA GLN B 121 -15.62 26.58 -23.76
C GLN B 121 -16.55 26.07 -22.68
N GLU B 122 -16.79 26.91 -21.68
CA GLU B 122 -17.62 26.59 -20.52
C GLU B 122 -18.81 25.64 -20.80
N ASN B 123 -19.23 25.57 -22.06
CA ASN B 123 -20.33 24.72 -22.54
C ASN B 123 -20.25 23.19 -22.38
N ALA B 124 -19.05 22.63 -22.22
CA ALA B 124 -18.91 21.18 -22.11
C ALA B 124 -20.05 20.54 -21.33
N ALA B 125 -20.51 19.39 -21.83
CA ALA B 125 -21.63 18.67 -21.23
C ALA B 125 -21.59 18.54 -19.70
N TRP B 126 -20.38 18.41 -19.15
CA TRP B 126 -20.23 18.28 -17.70
C TRP B 126 -20.55 19.54 -16.92
N PHE B 127 -19.82 20.62 -17.20
CA PHE B 127 -20.03 21.89 -16.52
C PHE B 127 -21.52 22.17 -16.45
N THR B 128 -22.21 21.79 -17.52
CA THR B 128 -23.65 21.96 -17.64
C THR B 128 -24.38 21.24 -16.49
N ALA B 129 -24.09 19.96 -16.30
CA ALA B 129 -24.72 19.16 -15.25
C ALA B 129 -24.53 19.76 -13.85
N LEU B 130 -23.27 19.96 -13.46
CA LEU B 130 -22.90 20.52 -12.16
C LEU B 130 -23.64 21.83 -11.91
N ALA B 131 -23.55 22.71 -12.89
CA ALA B 131 -24.18 24.03 -12.90
C ALA B 131 -25.13 24.37 -11.72
N ASN B 132 -26.29 23.72 -11.65
CA ASN B 132 -27.28 24.02 -10.61
C ASN B 132 -26.85 23.66 -9.19
N ARG B 133 -26.21 22.50 -9.06
CA ARG B 133 -25.80 21.93 -7.77
C ARG B 133 -24.49 22.35 -7.09
N SER B 134 -23.67 23.20 -7.73
CA SER B 134 -22.39 23.57 -7.15
C SER B 134 -22.06 25.05 -6.93
N VAL B 135 -20.83 25.29 -6.47
CA VAL B 135 -20.30 26.63 -6.20
C VAL B 135 -19.04 26.90 -7.03
N GLN B 136 -18.92 28.12 -7.53
CA GLN B 136 -17.77 28.51 -8.34
C GLN B 136 -17.01 29.66 -7.71
N VAL B 137 -15.93 29.34 -7.00
CA VAL B 137 -15.11 30.34 -6.33
C VAL B 137 -14.16 31.02 -7.32
N THR B 138 -14.26 32.34 -7.43
CA THR B 138 -13.42 33.13 -8.34
C THR B 138 -12.06 33.44 -7.74
N CYS B 139 -11.14 32.48 -7.82
CA CYS B 139 -9.80 32.64 -7.26
C CYS B 139 -8.83 33.37 -8.19
N GLN B 140 -9.36 33.83 -9.32
CA GLN B 140 -8.57 34.55 -10.33
C GLN B 140 -7.38 35.36 -9.78
#